data_6QP5
#
_entry.id   6QP5
#
_cell.length_a   66.110
_cell.length_b   45.790
_cell.length_c   107.931
_cell.angle_alpha   90.000
_cell.angle_beta   105.800
_cell.angle_gamma   90.000
#
_symmetry.space_group_name_H-M   'I 1 2 1'
#
loop_
_entity.id
_entity.type
_entity.pdbx_description
1 polymer 'Calcium/calmodulin-dependent protein kinase type 1D'
2 non-polymer 'SULFATE ION'
3 non-polymer 1,2-ETHANEDIOL
4 water water
#
_entity_poly.entity_id   1
_entity_poly.type   'polypeptide(L)'
_entity_poly.pdbx_seq_one_letter_code
;SMSSWKKQAEDIKKIFEFKETLGTGAFSEVVLAEEKATGKLFAVKCIPKKALKGKESSIENEIAVLRKIKHENIVALEDI
YESPNHLYLVMQLVSGGELFDRIVEKGFYTEKDASTLIRQVLDAVYYLHRMGIVHRDLKPENLLYYSQDEESKIMISDFG
LSKMEGKGDVMSTACGTPGYVAPEVLAQKPYSKAVDCWSIGVIAYILLCGYPPFYDENDSKLFEQILKAEYEFDSPYWDD
ISDSAKDFIRNLMEKDPNKRYTCEQAARHPWIAGDTALNKNIHESVSAQIRKNFAKSKWRQAFNATAVVRHMRKLHLGSS
LD
;
_entity_poly.pdbx_strand_id   A
#
loop_
_chem_comp.id
_chem_comp.type
_chem_comp.name
_chem_comp.formula
EDO non-polymer 1,2-ETHANEDIOL 'C2 H6 O2'
SO4 non-polymer 'SULFATE ION' 'O4 S -2'
#
# COMPACT_ATOMS: atom_id res chain seq x y z
N LYS A 6 10.97 4.65 -26.00
CA LYS A 6 10.10 3.85 -26.87
C LYS A 6 8.65 4.27 -26.69
N LYS A 7 8.29 5.42 -27.25
N LYS A 7 8.32 5.44 -27.22
CA LYS A 7 7.00 6.02 -26.96
CA LYS A 7 7.00 6.03 -27.00
C LYS A 7 5.91 5.77 -28.01
C LYS A 7 5.95 5.47 -27.96
N GLN A 8 6.28 5.47 -29.25
CA GLN A 8 5.26 5.24 -30.27
C GLN A 8 5.15 3.79 -30.77
N ALA A 9 3.92 3.29 -30.81
CA ALA A 9 3.64 1.99 -31.41
C ALA A 9 2.34 2.03 -32.20
N GLU A 10 2.30 1.34 -33.34
CA GLU A 10 1.10 1.24 -34.14
C GLU A 10 0.13 0.26 -33.46
N ASP A 11 0.71 -0.78 -32.89
CA ASP A 11 -0.04 -1.82 -32.21
C ASP A 11 0.85 -2.38 -31.10
N ILE A 12 0.37 -2.33 -29.87
CA ILE A 12 1.19 -2.71 -28.72
C ILE A 12 1.64 -4.17 -28.78
N LYS A 13 0.89 -5.00 -29.52
CA LYS A 13 1.19 -6.42 -29.60
C LYS A 13 2.47 -6.70 -30.40
N LYS A 14 2.94 -5.72 -31.16
CA LYS A 14 4.23 -5.83 -31.82
C LYS A 14 5.35 -5.82 -30.76
N ILE A 15 5.06 -5.22 -29.62
CA ILE A 15 6.04 -5.06 -28.55
C ILE A 15 5.90 -6.11 -27.46
N PHE A 16 4.66 -6.31 -27.00
CA PHE A 16 4.40 -7.19 -25.86
C PHE A 16 3.48 -8.35 -26.20
N GLU A 17 3.73 -9.48 -25.57
CA GLU A 17 2.78 -10.57 -25.53
C GLU A 17 1.98 -10.47 -24.24
N PHE A 18 0.72 -10.08 -24.33
CA PHE A 18 -0.14 -10.00 -23.15
C PHE A 18 -0.52 -11.39 -22.67
N LYS A 19 -0.36 -11.63 -21.38
CA LYS A 19 -0.62 -12.96 -20.82
C LYS A 19 -1.83 -12.96 -19.90
N GLU A 20 -1.67 -12.40 -18.71
CA GLU A 20 -2.70 -12.48 -17.68
C GLU A 20 -3.10 -11.11 -17.16
N THR A 21 -4.41 -10.90 -16.97
CA THR A 21 -4.91 -9.69 -16.35
C THR A 21 -4.54 -9.69 -14.88
N LEU A 22 -4.02 -8.58 -14.38
CA LEU A 22 -3.59 -8.49 -12.99
C LEU A 22 -4.50 -7.56 -12.20
N GLY A 23 -5.33 -6.80 -12.90
CA GLY A 23 -6.27 -5.89 -12.25
C GLY A 23 -6.94 -4.95 -13.23
N THR A 24 -8.18 -4.58 -12.94
CA THR A 24 -8.92 -3.64 -13.76
C THR A 24 -9.49 -2.52 -12.91
N GLY A 25 -9.79 -1.38 -13.54
CA GLY A 25 -10.33 -0.23 -12.83
C GLY A 25 -10.74 0.89 -13.76
N SER A 28 -8.89 1.79 -16.39
CA SER A 28 -7.72 1.18 -17.02
C SER A 28 -7.53 -0.27 -16.59
N GLU A 29 -6.74 -1.01 -17.34
CA GLU A 29 -6.48 -2.42 -17.02
C GLU A 29 -4.98 -2.67 -16.88
N VAL A 30 -4.61 -3.56 -15.98
CA VAL A 30 -3.21 -3.92 -15.79
C VAL A 30 -2.98 -5.37 -16.19
N VAL A 31 -2.09 -5.58 -17.16
CA VAL A 31 -1.86 -6.91 -17.71
C VAL A 31 -0.42 -7.37 -17.57
N LEU A 32 -0.25 -8.64 -17.21
CA LEU A 32 1.07 -9.27 -17.23
C LEU A 32 1.53 -9.43 -18.68
N ALA A 33 2.71 -8.91 -18.99
CA ALA A 33 3.17 -8.89 -20.37
C ALA A 33 4.66 -9.25 -20.51
N GLU A 34 4.99 -9.90 -21.63
CA GLU A 34 6.37 -10.23 -21.93
C GLU A 34 6.89 -9.40 -23.11
N GLU A 35 8.01 -8.71 -22.91
CA GLU A 35 8.65 -7.97 -23.99
C GLU A 35 9.21 -8.95 -25.01
N LYS A 36 8.65 -8.92 -26.22
CA LYS A 36 9.00 -9.92 -27.22
C LYS A 36 10.48 -9.88 -27.62
N ALA A 37 11.09 -8.70 -27.54
CA ALA A 37 12.48 -8.55 -27.96
C ALA A 37 13.48 -9.07 -26.94
N THR A 38 13.07 -9.19 -25.69
CA THR A 38 14.00 -9.56 -24.62
C THR A 38 13.53 -10.76 -23.80
N GLY A 39 12.23 -11.02 -23.80
CA GLY A 39 11.68 -12.07 -22.97
C GLY A 39 11.42 -11.62 -21.54
N LYS A 40 11.75 -10.37 -21.22
CA LYS A 40 11.54 -9.87 -19.86
C LYS A 40 10.07 -9.58 -19.60
N LEU A 41 9.65 -9.75 -18.34
CA LEU A 41 8.26 -9.59 -17.95
C LEU A 41 7.99 -8.23 -17.29
N PHE A 42 6.79 -7.71 -17.53
CA PHE A 42 6.39 -6.43 -16.97
C PHE A 42 4.91 -6.47 -16.58
N ALA A 43 4.49 -5.48 -15.79
CA ALA A 43 3.08 -5.20 -15.59
C ALA A 43 2.69 -3.97 -16.40
N VAL A 44 1.88 -4.17 -17.43
CA VAL A 44 1.52 -3.05 -18.29
C VAL A 44 0.14 -2.50 -17.97
N LYS A 45 0.09 -1.23 -17.57
CA LYS A 45 -1.19 -0.57 -17.34
C LYS A 45 -1.71 0.03 -18.64
N CYS A 46 -2.83 -0.50 -19.12
CA CYS A 46 -3.42 -0.05 -20.37
C CYS A 46 -4.51 1.00 -20.13
N ILE A 47 -4.29 2.20 -20.66
CA ILE A 47 -5.21 3.31 -20.44
C ILE A 47 -5.76 3.86 -21.77
N PRO A 48 -7.07 3.68 -22.01
CA PRO A 48 -7.71 4.26 -23.19
C PRO A 48 -7.55 5.78 -23.20
N LYS A 49 -7.18 6.35 -24.36
CA LYS A 49 -6.95 7.78 -24.47
C LYS A 49 -8.19 8.63 -24.17
N LYS A 50 -9.36 8.00 -24.25
CA LYS A 50 -10.64 8.69 -24.00
C LYS A 50 -10.65 9.44 -22.68
N ALA A 51 -9.99 8.89 -21.67
CA ALA A 51 -9.87 9.55 -20.38
C ALA A 51 -8.99 10.81 -20.50
N LEU A 52 -9.58 11.86 -21.07
CA LEU A 52 -8.85 13.11 -21.30
C LEU A 52 -9.46 14.26 -20.52
N SER A 58 -1.17 17.82 -18.83
CA SER A 58 -1.22 17.59 -17.38
C SER A 58 -0.81 16.16 -17.04
N ILE A 59 -1.48 15.19 -17.65
CA ILE A 59 -1.20 13.79 -17.39
C ILE A 59 0.14 13.36 -17.98
N GLU A 60 0.41 13.82 -19.19
CA GLU A 60 1.67 13.48 -19.88
C GLU A 60 2.85 14.16 -19.22
N ASN A 61 2.63 15.37 -18.71
CA ASN A 61 3.68 16.09 -17.98
C ASN A 61 4.11 15.36 -16.70
N GLU A 62 3.12 14.77 -16.02
CA GLU A 62 3.33 14.07 -14.73
C GLU A 62 4.02 12.71 -14.93
N ILE A 63 3.56 11.94 -15.91
CA ILE A 63 4.18 10.66 -16.23
C ILE A 63 5.64 10.88 -16.61
N ALA A 64 5.89 11.99 -17.31
CA ALA A 64 7.22 12.36 -17.73
C ALA A 64 8.13 12.67 -16.54
N VAL A 65 7.53 13.06 -15.41
CA VAL A 65 8.32 13.32 -14.20
C VAL A 65 8.72 12.02 -13.52
N LEU A 66 7.74 11.17 -13.24
CA LEU A 66 7.98 9.94 -12.49
C LEU A 66 8.78 8.88 -13.24
N ARG A 67 8.83 8.99 -14.57
CA ARG A 67 9.56 8.01 -15.37
C ARG A 67 11.05 8.03 -15.07
N LYS A 68 11.52 9.16 -14.53
CA LYS A 68 12.95 9.35 -14.29
C LYS A 68 13.38 9.08 -12.87
N ILE A 69 12.40 8.76 -12.02
CA ILE A 69 12.67 8.60 -10.58
C ILE A 69 12.31 7.21 -10.09
N LYS A 70 13.28 6.57 -9.44
CA LYS A 70 13.07 5.24 -8.88
C LYS A 70 13.17 5.27 -7.37
N HIS A 71 12.08 4.90 -6.71
CA HIS A 71 12.09 4.78 -5.25
C HIS A 71 12.16 3.30 -4.90
N GLU A 72 13.07 3.00 -3.99
CA GLU A 72 13.31 1.63 -3.52
C GLU A 72 12.02 0.87 -3.16
N ASN A 73 11.04 1.58 -2.60
CA ASN A 73 9.83 0.94 -2.10
C ASN A 73 8.57 1.22 -2.92
N ILE A 74 8.75 1.61 -4.19
CA ILE A 74 7.63 1.83 -5.09
C ILE A 74 7.88 1.13 -6.42
N VAL A 75 6.87 0.46 -6.95
CA VAL A 75 6.98 -0.14 -8.28
C VAL A 75 7.43 0.90 -9.31
N ALA A 76 8.45 0.55 -10.09
CA ALA A 76 9.06 1.48 -11.00
C ALA A 76 8.25 1.66 -12.28
N LEU A 77 8.16 2.90 -12.75
CA LEU A 77 7.62 3.19 -14.07
C LEU A 77 8.75 3.08 -15.10
N GLU A 78 8.82 1.93 -15.77
CA GLU A 78 9.98 1.61 -16.60
C GLU A 78 9.93 2.25 -17.99
N ASP A 79 8.75 2.28 -18.59
CA ASP A 79 8.61 2.81 -19.95
C ASP A 79 7.19 3.27 -20.21
N ILE A 80 7.02 4.04 -21.29
CA ILE A 80 5.70 4.48 -21.73
C ILE A 80 5.56 4.28 -23.23
N TYR A 81 4.48 3.62 -23.64
CA TYR A 81 4.15 3.49 -25.05
C TYR A 81 2.82 4.19 -25.36
N GLU A 82 2.75 4.82 -26.53
CA GLU A 82 1.52 5.43 -27.01
C GLU A 82 1.07 4.76 -28.31
N SER A 83 -0.17 4.29 -28.34
CA SER A 83 -0.77 3.70 -29.52
C SER A 83 -1.80 4.68 -30.06
N PRO A 84 -2.45 4.37 -31.20
CA PRO A 84 -3.46 5.33 -31.68
C PRO A 84 -4.56 5.65 -30.65
N ASN A 85 -5.00 4.67 -29.88
CA ASN A 85 -6.12 4.85 -28.96
C ASN A 85 -5.82 4.57 -27.50
N HIS A 86 -4.59 4.15 -27.19
CA HIS A 86 -4.25 3.82 -25.81
C HIS A 86 -2.91 4.37 -25.37
N LEU A 87 -2.78 4.57 -24.07
CA LEU A 87 -1.50 4.87 -23.44
C LEU A 87 -1.10 3.66 -22.59
N TYR A 88 0.15 3.24 -22.68
CA TYR A 88 0.62 2.07 -21.94
C TYR A 88 1.75 2.42 -20.98
N LEU A 89 1.49 2.22 -19.69
CA LEU A 89 2.52 2.44 -18.68
C LEU A 89 3.15 1.10 -18.34
N VAL A 90 4.41 0.95 -18.73
CA VAL A 90 5.13 -0.31 -18.53
C VAL A 90 5.78 -0.28 -17.17
N MET A 91 5.24 -1.09 -16.26
CA MET A 91 5.66 -1.05 -14.86
C MET A 91 6.51 -2.25 -14.48
N GLN A 92 7.37 -2.04 -13.49
CA GLN A 92 8.14 -3.11 -12.89
C GLN A 92 7.20 -4.20 -12.36
N LEU A 93 7.54 -5.46 -12.67
CA LEU A 93 6.76 -6.60 -12.17
C LEU A 93 7.32 -7.05 -10.83
N VAL A 94 6.44 -7.15 -9.84
CA VAL A 94 6.85 -7.52 -8.49
C VAL A 94 6.45 -8.96 -8.20
N SER A 95 7.46 -9.81 -8.00
CA SER A 95 7.25 -11.27 -7.98
C SER A 95 7.44 -11.92 -6.61
N GLY A 96 7.67 -11.12 -5.58
CA GLY A 96 8.01 -11.68 -4.28
C GLY A 96 6.85 -12.29 -3.52
N GLY A 97 5.63 -11.90 -3.85
CA GLY A 97 4.47 -12.46 -3.17
C GLY A 97 3.70 -11.44 -2.35
N GLU A 98 2.57 -11.86 -1.81
CA GLU A 98 1.68 -10.96 -1.09
C GLU A 98 2.11 -10.78 0.37
N LEU A 99 1.73 -9.65 0.94
CA LEU A 99 2.13 -9.30 2.30
C LEU A 99 1.65 -10.31 3.34
N PHE A 100 0.34 -10.56 3.37
CA PHE A 100 -0.23 -11.43 4.38
C PHE A 100 0.22 -12.88 4.23
N ASP A 101 0.38 -13.34 3.00
CA ASP A 101 0.86 -14.70 2.73
C ASP A 101 2.17 -14.97 3.45
N ARG A 102 3.09 -14.03 3.36
CA ARG A 102 4.41 -14.12 3.97
C ARG A 102 4.35 -14.26 5.48
N ILE A 103 3.55 -13.39 6.09
CA ILE A 103 3.39 -13.37 7.53
C ILE A 103 2.82 -14.70 8.04
N VAL A 104 1.77 -15.19 7.38
CA VAL A 104 1.14 -16.44 7.81
C VAL A 104 2.13 -17.61 7.69
N GLU A 105 2.91 -17.61 6.62
CA GLU A 105 3.81 -18.73 6.34
C GLU A 105 5.09 -18.70 7.18
N LYS A 106 5.39 -17.55 7.79
CA LYS A 106 6.68 -17.34 8.44
C LYS A 106 6.85 -18.12 9.74
N GLY A 107 5.76 -18.33 10.48
CA GLY A 107 5.81 -19.06 11.74
C GLY A 107 6.44 -18.29 12.89
N PHE A 108 7.01 -17.13 12.58
CA PHE A 108 7.65 -16.28 13.57
C PHE A 108 7.52 -14.84 13.11
N TYR A 109 7.01 -13.98 13.98
CA TYR A 109 6.63 -12.62 13.57
C TYR A 109 6.53 -11.73 14.80
N THR A 110 7.21 -10.58 14.76
CA THR A 110 7.27 -9.68 15.90
C THR A 110 6.84 -8.24 15.54
N GLU A 111 6.71 -7.39 16.54
CA GLU A 111 6.51 -5.95 16.32
C GLU A 111 7.62 -5.34 15.46
N LYS A 112 8.84 -5.83 15.62
CA LYS A 112 9.95 -5.33 14.83
C LYS A 112 9.71 -5.59 13.35
N ASP A 113 9.12 -6.74 13.04
CA ASP A 113 8.78 -7.05 11.65
C ASP A 113 7.74 -6.08 11.11
N ALA A 114 6.69 -5.83 11.89
CA ALA A 114 5.67 -4.88 11.49
C ALA A 114 6.24 -3.47 11.37
N SER A 115 7.08 -3.07 12.31
CA SER A 115 7.71 -1.76 12.28
C SER A 115 8.55 -1.58 11.01
N THR A 116 9.32 -2.60 10.68
CA THR A 116 10.16 -2.57 9.48
C THR A 116 9.33 -2.41 8.22
N LEU A 117 8.20 -3.11 8.16
CA LEU A 117 7.28 -2.95 7.03
C LEU A 117 6.73 -1.52 6.97
N ILE A 118 6.26 -1.01 8.09
CA ILE A 118 5.64 0.31 8.11
C ILE A 118 6.65 1.41 7.77
N ARG A 119 7.88 1.24 8.25
CA ARG A 119 8.95 2.20 7.97
C ARG A 119 9.15 2.39 6.47
N GLN A 120 9.11 1.27 5.74
CA GLN A 120 9.27 1.32 4.29
C GLN A 120 8.09 2.00 3.60
N VAL A 121 6.88 1.73 4.08
CA VAL A 121 5.68 2.34 3.55
C VAL A 121 5.71 3.85 3.79
N LEU A 122 6.17 4.24 4.99
CA LEU A 122 6.31 5.65 5.32
C LEU A 122 7.28 6.35 4.39
N ASP A 123 8.41 5.69 4.09
CA ASP A 123 9.40 6.24 3.17
C ASP A 123 8.79 6.47 1.79
N ALA A 124 8.05 5.47 1.31
CA ALA A 124 7.42 5.55 -0.01
C ALA A 124 6.38 6.65 -0.09
N VAL A 125 5.50 6.71 0.92
CA VAL A 125 4.41 7.68 0.89
C VAL A 125 4.94 9.10 1.13
N TYR A 126 6.01 9.23 1.91
CA TYR A 126 6.62 10.54 2.11
C TYR A 126 7.11 11.10 0.78
N TYR A 127 7.77 10.26 0.00
CA TYR A 127 8.25 10.66 -1.32
C TYR A 127 7.08 11.07 -2.23
N LEU A 128 6.05 10.23 -2.29
CA LEU A 128 4.88 10.54 -3.10
C LEU A 128 4.24 11.88 -2.71
N HIS A 129 4.11 12.10 -1.40
CA HIS A 129 3.54 13.35 -0.88
C HIS A 129 4.39 14.54 -1.27
N ARG A 130 5.70 14.38 -1.19
CA ARG A 130 6.63 15.43 -1.61
C ARG A 130 6.46 15.78 -3.08
N MET A 131 6.12 14.77 -3.89
CA MET A 131 5.95 14.98 -5.32
C MET A 131 4.55 15.49 -5.66
N GLY A 132 3.72 15.67 -4.62
CA GLY A 132 2.37 16.17 -4.81
C GLY A 132 1.37 15.09 -5.18
N ILE A 133 1.70 13.84 -4.86
CA ILE A 133 0.80 12.74 -5.15
C ILE A 133 0.17 12.20 -3.87
N VAL A 134 -1.15 12.16 -3.84
CA VAL A 134 -1.89 11.51 -2.77
C VAL A 134 -2.37 10.16 -3.28
N HIS A 135 -2.01 9.09 -2.57
CA HIS A 135 -2.26 7.74 -3.07
C HIS A 135 -3.74 7.37 -3.02
N ARG A 136 -4.35 7.55 -1.85
CA ARG A 136 -5.79 7.39 -1.63
C ARG A 136 -6.29 5.95 -1.69
N ASP A 137 -5.39 5.00 -1.92
CA ASP A 137 -5.79 3.60 -2.03
C ASP A 137 -4.80 2.67 -1.33
N LEU A 138 -4.18 3.16 -0.25
CA LEU A 138 -3.25 2.33 0.51
C LEU A 138 -3.99 1.25 1.28
N LYS A 139 -3.63 0.00 1.00
CA LYS A 139 -4.22 -1.17 1.64
C LYS A 139 -3.24 -2.33 1.50
N PRO A 140 -3.39 -3.38 2.32
CA PRO A 140 -2.45 -4.51 2.27
C PRO A 140 -2.30 -5.13 0.89
N GLU A 141 -3.35 -5.09 0.09
CA GLU A 141 -3.34 -5.64 -1.26
C GLU A 141 -2.38 -4.90 -2.18
N ASN A 142 -2.08 -3.64 -1.87
CA ASN A 142 -1.19 -2.83 -2.69
C ASN A 142 0.25 -2.87 -2.21
N LEU A 143 0.54 -3.76 -1.27
CA LEU A 143 1.88 -3.92 -0.74
C LEU A 143 2.41 -5.30 -1.10
N LEU A 144 3.46 -5.33 -1.90
CA LEU A 144 4.00 -6.58 -2.40
C LEU A 144 5.50 -6.68 -2.12
N TYR A 145 5.99 -7.90 -1.93
CA TYR A 145 7.42 -8.11 -1.75
C TYR A 145 8.18 -8.12 -3.05
N TYR A 146 9.33 -7.47 -3.07
CA TYR A 146 10.19 -7.44 -4.25
C TYR A 146 10.66 -8.85 -4.66
N SER A 147 11.03 -9.67 -3.68
CA SER A 147 11.51 -11.01 -4.01
C SER A 147 11.05 -12.03 -2.98
N GLN A 148 11.29 -13.29 -3.28
N GLN A 148 11.30 -13.29 -3.30
CA GLN A 148 10.92 -14.35 -2.36
CA GLN A 148 10.97 -14.40 -2.42
C GLN A 148 11.91 -14.43 -1.20
C GLN A 148 11.89 -14.39 -1.19
N ASP A 149 12.99 -13.64 -1.30
CA ASP A 149 14.04 -13.65 -0.27
C ASP A 149 13.56 -13.24 1.12
N GLU A 150 14.17 -13.83 2.13
CA GLU A 150 13.85 -13.54 3.53
C GLU A 150 13.94 -12.05 3.87
N GLU A 151 14.90 -11.37 3.27
CA GLU A 151 15.17 -9.96 3.56
C GLU A 151 14.57 -9.01 2.54
N SER A 152 13.61 -9.49 1.76
CA SER A 152 13.05 -8.68 0.68
C SER A 152 12.39 -7.41 1.21
N LYS A 153 12.65 -6.31 0.53
CA LYS A 153 11.92 -5.08 0.77
C LYS A 153 10.46 -5.27 0.38
N ILE A 154 9.58 -4.43 0.93
CA ILE A 154 8.19 -4.37 0.51
C ILE A 154 8.05 -3.15 -0.42
N MET A 155 7.08 -3.19 -1.33
CA MET A 155 6.90 -2.11 -2.30
C MET A 155 5.43 -1.76 -2.49
N ILE A 156 5.14 -0.48 -2.69
CA ILE A 156 3.80 -0.08 -3.09
C ILE A 156 3.59 -0.51 -4.54
N SER A 157 2.52 -1.26 -4.77
CA SER A 157 2.33 -2.02 -6.00
C SER A 157 1.77 -1.21 -7.14
N ASP A 158 1.01 -0.18 -6.79
CA ASP A 158 0.34 0.64 -7.78
C ASP A 158 -0.13 1.92 -7.13
N PHE A 159 -0.29 2.96 -7.94
CA PHE A 159 -0.78 4.24 -7.47
C PHE A 159 -1.43 4.97 -8.63
N GLY A 160 -2.48 5.73 -8.34
CA GLY A 160 -3.21 6.46 -9.37
C GLY A 160 -2.40 7.59 -9.95
N PRO A 178 -13.49 0.68 2.01
CA PRO A 178 -14.27 1.38 3.05
C PRO A 178 -13.52 1.47 4.38
N GLY A 179 -13.05 0.35 4.91
CA GLY A 179 -12.40 0.32 6.21
C GLY A 179 -11.06 1.04 6.27
N TYR A 180 -10.43 1.26 5.11
CA TYR A 180 -9.11 1.89 5.06
C TYR A 180 -9.20 3.39 4.78
N VAL A 181 -10.42 3.86 4.56
CA VAL A 181 -10.64 5.26 4.17
C VAL A 181 -10.81 6.19 5.37
N ALA A 182 -10.13 7.33 5.32
CA ALA A 182 -10.13 8.32 6.39
C ALA A 182 -11.54 8.90 6.63
N PRO A 183 -11.81 9.33 7.87
CA PRO A 183 -13.13 9.91 8.21
C PRO A 183 -13.50 11.11 7.35
N GLU A 184 -12.57 12.03 7.11
CA GLU A 184 -12.87 13.24 6.35
C GLU A 184 -13.24 12.92 4.90
N VAL A 185 -12.79 11.78 4.40
CA VAL A 185 -13.16 11.36 3.05
C VAL A 185 -14.57 10.77 3.05
N LEU A 186 -14.87 9.95 4.04
CA LEU A 186 -16.20 9.38 4.19
C LEU A 186 -17.23 10.46 4.48
N ALA A 187 -16.77 11.56 5.06
CA ALA A 187 -17.64 12.66 5.46
C ALA A 187 -17.82 13.69 4.35
N GLN A 188 -17.26 13.41 3.17
CA GLN A 188 -17.33 14.30 2.02
C GLN A 188 -16.79 15.70 2.33
N LYS A 189 -15.70 15.76 3.08
CA LYS A 189 -15.04 17.01 3.44
C LYS A 189 -13.80 17.18 2.57
N PRO A 190 -13.37 18.43 2.32
CA PRO A 190 -12.07 18.60 1.63
C PRO A 190 -10.95 17.87 2.34
N TYR A 191 -10.18 17.08 1.59
CA TYR A 191 -9.14 16.24 2.18
C TYR A 191 -7.79 16.45 1.52
N SER A 192 -6.74 16.05 2.23
CA SER A 192 -5.37 16.27 1.76
C SER A 192 -4.56 14.98 1.77
N LYS A 193 -3.24 15.13 1.76
CA LYS A 193 -2.34 13.97 1.82
C LYS A 193 -2.48 13.20 3.13
N ALA A 194 -3.06 13.85 4.14
CA ALA A 194 -3.25 13.25 5.45
C ALA A 194 -4.10 11.98 5.42
N VAL A 195 -4.90 11.82 4.36
CA VAL A 195 -5.73 10.63 4.24
C VAL A 195 -4.88 9.37 4.07
N ASP A 196 -3.70 9.51 3.48
CA ASP A 196 -2.81 8.36 3.32
C ASP A 196 -2.25 7.95 4.67
N CYS A 197 -2.01 8.93 5.52
CA CYS A 197 -1.43 8.66 6.83
C CYS A 197 -2.42 7.89 7.68
N TRP A 198 -3.71 8.18 7.54
CA TRP A 198 -4.75 7.40 8.21
C TRP A 198 -4.69 5.94 7.75
N SER A 199 -4.60 5.74 6.44
CA SER A 199 -4.53 4.40 5.86
C SER A 199 -3.32 3.63 6.39
N ILE A 200 -2.20 4.30 6.59
CA ILE A 200 -1.01 3.65 7.11
C ILE A 200 -1.25 3.20 8.55
N GLY A 201 -1.96 4.03 9.31
CA GLY A 201 -2.37 3.66 10.66
C GLY A 201 -3.23 2.40 10.68
N VAL A 202 -4.17 2.31 9.76
CA VAL A 202 -5.03 1.13 9.68
C VAL A 202 -4.24 -0.12 9.30
N ILE A 203 -3.32 0.02 8.35
CA ILE A 203 -2.46 -1.10 7.98
C ILE A 203 -1.61 -1.54 9.17
N ALA A 204 -1.06 -0.58 9.90
CA ALA A 204 -0.26 -0.91 11.09
C ALA A 204 -1.09 -1.65 12.14
N TYR A 205 -2.34 -1.22 12.31
CA TYR A 205 -3.28 -1.90 13.20
C TYR A 205 -3.45 -3.36 12.79
N ILE A 206 -3.72 -3.60 11.51
CA ILE A 206 -3.90 -4.95 11.02
C ILE A 206 -2.62 -5.78 11.15
N LEU A 207 -1.46 -5.18 10.89
CA LEU A 207 -0.19 -5.91 11.01
C LEU A 207 0.10 -6.39 12.44
N LEU A 208 -0.51 -5.76 13.43
CA LEU A 208 -0.26 -6.15 14.82
C LEU A 208 -1.29 -7.09 15.45
N CYS A 209 -2.43 -7.29 14.81
CA CYS A 209 -3.45 -8.17 15.38
C CYS A 209 -4.12 -9.09 14.36
N GLY A 210 -4.03 -8.75 13.08
CA GLY A 210 -4.57 -9.62 12.05
C GLY A 210 -6.03 -9.40 11.69
N TYR A 211 -6.63 -8.33 12.20
CA TYR A 211 -8.01 -7.98 11.84
C TYR A 211 -8.19 -6.47 11.73
N PRO A 212 -9.18 -6.02 10.94
CA PRO A 212 -9.34 -4.58 10.74
C PRO A 212 -9.95 -3.87 11.96
N PRO A 213 -9.57 -2.60 12.17
CA PRO A 213 -10.04 -1.84 13.34
C PRO A 213 -11.54 -1.52 13.28
N PHE A 214 -12.12 -1.53 12.08
CA PHE A 214 -13.55 -1.27 11.94
C PHE A 214 -14.26 -2.40 11.22
N TYR A 215 -15.27 -2.97 11.86
CA TYR A 215 -16.13 -3.95 11.20
C TYR A 215 -17.46 -4.13 11.91
N ASP A 216 -18.53 -4.18 11.14
CA ASP A 216 -19.86 -4.42 11.67
C ASP A 216 -20.80 -4.89 10.57
N GLU A 217 -21.87 -5.58 10.97
CA GLU A 217 -22.85 -6.10 10.00
C GLU A 217 -23.66 -4.96 9.41
N ASN A 218 -24.02 -3.98 10.21
CA ASN A 218 -24.70 -2.81 9.68
C ASN A 218 -23.68 -1.83 9.11
N ASP A 219 -24.06 -1.13 8.04
CA ASP A 219 -23.20 -0.11 7.47
C ASP A 219 -23.46 1.22 8.16
N SER A 220 -24.56 1.29 8.89
CA SER A 220 -24.91 2.48 9.66
C SER A 220 -23.86 2.76 10.73
N LYS A 221 -23.73 1.84 11.68
CA LYS A 221 -22.78 2.01 12.79
C LYS A 221 -21.34 1.85 12.31
N LEU A 222 -21.12 1.04 11.29
CA LEU A 222 -19.78 0.85 10.72
C LEU A 222 -19.20 2.16 10.22
N PHE A 223 -19.95 2.83 9.35
CA PHE A 223 -19.53 4.13 8.85
C PHE A 223 -19.47 5.14 9.98
N GLU A 224 -20.43 5.05 10.90
CA GLU A 224 -20.46 5.93 12.06
C GLU A 224 -19.24 5.71 12.96
N GLN A 225 -18.83 4.45 13.10
CA GLN A 225 -17.64 4.13 13.87
C GLN A 225 -16.40 4.70 13.19
N ILE A 226 -16.34 4.56 11.87
CA ILE A 226 -15.25 5.15 11.10
C ILE A 226 -15.30 6.67 11.17
N LEU A 227 -16.48 7.23 10.98
CA LEU A 227 -16.66 8.68 11.04
C LEU A 227 -16.26 9.27 12.39
N LYS A 228 -16.52 8.53 13.46
CA LYS A 228 -16.20 8.99 14.79
C LYS A 228 -14.82 8.51 15.23
N ALA A 229 -14.17 7.72 14.38
CA ALA A 229 -12.88 7.12 14.68
C ALA A 229 -12.94 6.33 15.98
N GLU A 230 -13.97 5.49 16.10
CA GLU A 230 -14.13 4.65 17.28
C GLU A 230 -13.55 3.27 17.03
N TYR A 231 -12.40 3.02 17.63
CA TYR A 231 -11.76 1.71 17.54
C TYR A 231 -11.15 1.39 18.90
N GLU A 232 -10.79 0.13 19.11
CA GLU A 232 -10.24 -0.30 20.38
C GLU A 232 -9.05 -1.24 20.16
N PHE A 233 -8.12 -1.25 21.10
CA PHE A 233 -7.09 -2.27 21.14
C PHE A 233 -7.56 -3.37 22.07
N ASP A 234 -8.47 -4.20 21.59
CA ASP A 234 -9.20 -5.12 22.46
C ASP A 234 -8.39 -6.34 22.88
N SER A 235 -8.72 -6.85 24.06
CA SER A 235 -8.12 -8.05 24.60
C SER A 235 -8.83 -9.28 24.01
N PRO A 236 -8.12 -10.41 23.93
CA PRO A 236 -6.74 -10.64 24.34
C PRO A 236 -5.70 -10.25 23.28
N TYR A 237 -6.18 -9.91 22.08
CA TYR A 237 -5.31 -9.74 20.91
C TYR A 237 -4.22 -8.69 21.11
N TRP A 238 -4.55 -7.61 21.80
CA TRP A 238 -3.61 -6.50 21.97
C TRP A 238 -2.86 -6.51 23.31
N ASP A 239 -3.06 -7.55 24.11
CA ASP A 239 -2.50 -7.57 25.46
C ASP A 239 -0.97 -7.58 25.47
N ASP A 240 -0.38 -8.28 24.52
CA ASP A 240 1.08 -8.38 24.45
C ASP A 240 1.72 -7.37 23.49
N ILE A 241 0.93 -6.41 23.02
CA ILE A 241 1.45 -5.34 22.15
C ILE A 241 1.90 -4.15 22.99
N SER A 242 3.02 -3.54 22.62
CA SER A 242 3.61 -2.45 23.40
C SER A 242 2.73 -1.20 23.41
N ASP A 243 2.85 -0.42 24.49
CA ASP A 243 2.22 0.90 24.54
C ASP A 243 2.71 1.77 23.38
N SER A 244 3.98 1.61 23.02
CA SER A 244 4.57 2.42 21.98
C SER A 244 3.90 2.18 20.63
N ALA A 245 3.65 0.92 20.30
CA ALA A 245 2.96 0.61 19.06
C ALA A 245 1.54 1.18 19.07
N LYS A 246 0.85 1.05 20.19
CA LYS A 246 -0.51 1.58 20.31
C LYS A 246 -0.53 3.09 20.15
N ASP A 247 0.45 3.75 20.75
CA ASP A 247 0.57 5.20 20.63
C ASP A 247 0.86 5.58 19.18
N PHE A 248 1.72 4.81 18.53
CA PHE A 248 2.04 5.04 17.11
C PHE A 248 0.77 5.01 16.26
N ILE A 249 -0.04 3.98 16.45
CA ILE A 249 -1.27 3.83 15.68
C ILE A 249 -2.27 4.95 15.99
N ARG A 250 -2.40 5.31 17.26
CA ARG A 250 -3.30 6.39 17.66
C ARG A 250 -2.96 7.73 16.98
N ASN A 251 -1.66 8.00 16.82
CA ASN A 251 -1.23 9.24 16.18
C ASN A 251 -1.59 9.30 14.68
N LEU A 252 -1.71 8.13 14.07
CA LEU A 252 -2.05 8.06 12.64
C LEU A 252 -3.55 7.88 12.44
N MET A 253 -4.17 7.04 13.26
CA MET A 253 -5.60 6.86 13.23
C MET A 253 -6.23 7.91 14.14
N GLU A 254 -5.99 9.17 13.78
CA GLU A 254 -6.48 10.32 14.53
C GLU A 254 -7.53 11.03 13.71
N LYS A 255 -8.70 11.26 14.29
CA LYS A 255 -9.86 11.82 13.58
C LYS A 255 -9.55 13.15 12.89
N ASP A 256 -8.79 14.00 13.58
CA ASP A 256 -8.49 15.33 13.10
C ASP A 256 -7.24 15.32 12.22
N PRO A 257 -7.41 15.52 10.90
CA PRO A 257 -6.29 15.46 9.96
C PRO A 257 -5.20 16.48 10.28
N ASN A 258 -5.57 17.57 10.97
CA ASN A 258 -4.61 18.57 11.41
C ASN A 258 -3.74 18.07 12.58
N LYS A 259 -4.31 17.22 13.43
CA LYS A 259 -3.57 16.65 14.55
C LYS A 259 -2.87 15.35 14.16
N ARG A 260 -3.38 14.71 13.11
CA ARG A 260 -2.83 13.45 12.61
C ARG A 260 -1.35 13.58 12.23
N TYR A 261 -0.54 12.60 12.60
CA TYR A 261 0.87 12.60 12.23
C TYR A 261 1.03 12.63 10.72
N THR A 262 2.02 13.37 10.24
CA THR A 262 2.45 13.26 8.85
C THR A 262 3.37 12.06 8.72
N CYS A 263 3.75 11.72 7.49
CA CYS A 263 4.70 10.63 7.29
C CYS A 263 6.03 10.97 7.97
N GLU A 264 6.46 12.23 7.86
CA GLU A 264 7.73 12.64 8.46
C GLU A 264 7.70 12.46 9.97
N GLN A 265 6.59 12.88 10.59
CA GLN A 265 6.46 12.78 12.04
C GLN A 265 6.40 11.32 12.50
N ALA A 266 5.62 10.49 11.80
CA ALA A 266 5.53 9.07 12.13
C ALA A 266 6.88 8.36 12.04
N ALA A 267 7.69 8.75 11.04
CA ALA A 267 9.00 8.13 10.83
C ALA A 267 9.96 8.49 11.95
N ARG A 268 9.64 9.54 12.70
CA ARG A 268 10.45 9.94 13.85
C ARG A 268 10.01 9.28 15.16
N HIS A 269 8.81 8.69 15.16
CA HIS A 269 8.28 8.02 16.36
C HIS A 269 9.19 6.87 16.78
N PRO A 270 9.40 6.68 18.10
CA PRO A 270 10.30 5.63 18.61
C PRO A 270 9.97 4.21 18.14
N TRP A 271 8.71 3.91 17.86
CA TRP A 271 8.35 2.58 17.38
C TRP A 271 8.98 2.32 16.01
N ILE A 272 9.16 3.39 15.24
CA ILE A 272 9.80 3.31 13.92
C ILE A 272 11.29 3.60 14.00
N ALA A 273 11.64 4.72 14.62
CA ALA A 273 13.00 5.24 14.57
C ALA A 273 13.87 4.79 15.73
N GLY A 274 13.25 4.23 16.77
CA GLY A 274 13.96 3.84 17.96
C GLY A 274 13.91 2.34 18.24
N ASP A 275 13.84 1.99 19.52
CA ASP A 275 13.97 0.58 19.91
C ASP A 275 12.79 0.09 20.74
N THR A 276 11.62 0.68 20.56
CA THR A 276 10.46 0.31 21.37
C THR A 276 9.60 -0.81 20.78
N ALA A 277 9.80 -1.13 19.51
CA ALA A 277 9.10 -2.28 18.92
C ALA A 277 9.58 -3.56 19.60
N LEU A 278 8.65 -4.38 20.09
CA LEU A 278 9.01 -5.56 20.86
C LEU A 278 9.53 -6.72 20.00
N ASN A 279 10.08 -7.73 20.67
CA ASN A 279 10.65 -8.88 19.99
C ASN A 279 9.89 -10.17 20.29
N LYS A 280 8.67 -10.03 20.78
CA LYS A 280 7.87 -11.20 21.14
C LYS A 280 7.22 -11.82 19.90
N ASN A 281 7.30 -13.14 19.78
CA ASN A 281 6.66 -13.82 18.66
C ASN A 281 5.14 -13.81 18.81
N ILE A 282 4.47 -13.01 17.99
CA ILE A 282 3.01 -12.94 18.03
C ILE A 282 2.37 -13.61 16.83
N HIS A 283 3.14 -14.43 16.12
CA HIS A 283 2.66 -15.07 14.91
C HIS A 283 1.36 -15.86 15.11
N GLU A 284 1.24 -16.58 16.23
CA GLU A 284 0.13 -17.51 16.41
C GLU A 284 -1.22 -16.80 16.30
N SER A 285 -1.42 -15.78 17.11
CA SER A 285 -2.68 -15.03 17.10
C SER A 285 -2.85 -14.23 15.81
N VAL A 286 -1.81 -13.53 15.39
CA VAL A 286 -1.90 -12.69 14.19
C VAL A 286 -2.25 -13.51 12.96
N SER A 287 -1.55 -14.62 12.74
CA SER A 287 -1.82 -15.48 11.60
C SER A 287 -3.21 -16.10 11.67
N ALA A 288 -3.62 -16.51 12.87
CA ALA A 288 -4.96 -17.08 13.05
C ALA A 288 -6.03 -16.05 12.66
N GLN A 289 -5.80 -14.79 13.02
CA GLN A 289 -6.76 -13.73 12.70
C GLN A 289 -6.73 -13.36 11.23
N ILE A 290 -5.55 -13.40 10.62
CA ILE A 290 -5.42 -13.12 9.20
C ILE A 290 -6.18 -14.17 8.38
N ARG A 291 -6.01 -15.44 8.73
CA ARG A 291 -6.70 -16.53 8.03
C ARG A 291 -8.20 -16.39 8.18
N LYS A 292 -8.63 -15.96 9.37
CA LYS A 292 -10.04 -15.80 9.66
C LYS A 292 -10.66 -14.61 8.91
N ASN A 293 -9.94 -13.50 8.86
CA ASN A 293 -10.50 -12.25 8.35
C ASN A 293 -10.13 -11.91 6.91
N PHE A 294 -9.01 -12.44 6.43
CA PHE A 294 -8.54 -12.14 5.08
C PHE A 294 -8.34 -13.42 4.27
N ALA A 295 -9.18 -14.41 4.53
CA ALA A 295 -9.08 -15.71 3.85
C ALA A 295 -9.17 -15.57 2.33
S SO4 B . -5.17 0.94 -30.52
O1 SO4 B . -4.70 1.84 -29.46
O2 SO4 B . -6.33 0.19 -30.05
O3 SO4 B . -5.53 1.73 -31.69
O4 SO4 B . -4.10 0.00 -30.86
S SO4 C . 15.43 12.89 -21.47
O1 SO4 C . 14.48 11.77 -21.54
O2 SO4 C . 16.45 12.59 -20.47
O3 SO4 C . 14.72 14.11 -21.08
O4 SO4 C . 16.05 13.08 -22.77
C1 EDO D . 5.05 -8.32 19.09
O1 EDO D . 6.45 -8.45 19.31
C2 EDO D . 4.26 -8.01 20.37
O2 EDO D . 4.86 -6.95 21.10
C1 EDO E . 2.95 14.39 4.70
O1 EDO E . 2.64 13.04 5.08
C2 EDO E . 4.43 14.49 4.44
O2 EDO E . 5.06 13.69 5.44
#